data_8AGK
#
_entry.id   8AGK
#
_cell.length_a   44.307
_cell.length_b   83.636
_cell.length_c   58.313
_cell.angle_alpha   90.000
_cell.angle_beta   98.659
_cell.angle_gamma   90.000
#
_symmetry.space_group_name_H-M   'P 1 21 1'
#
loop_
_entity.id
_entity.type
_entity.pdbx_description
1 polymer Bont/A1
2 branched 'N-acetyl-alpha-neuraminic acid-(2-3)-beta-D-galactopyranose-(1-3)-2-acetamido-2-deoxy-beta-D-galactopyranose-(1-4)-alpha-D-galactopyranose-(1-4)-alpha-D-glucopyranose'
3 non-polymer 1,2-ETHANEDIOL
4 non-polymer DI(HYDROXYETHYL)ETHER
5 water water
#
_entity_poly.entity_id   1
_entity_poly.type   'polypeptide(L)'
_entity_poly.pdbx_seq_one_letter_code
;MHHHHHHKNIINTSILSLRYENNHLIDLSRYASKINIGSRVNFDPIDKNQIQLFNLESSKIEVILKNAIVYNSMYENFST
SFWIKIPKYFSEISLNNEYTIINCIENNSGWKVSLNYGEIIWTLQDNKQNIQRVVFKYSQMVAISDYINRWIFITITNNR
LTKSKIYINGRLIDQKPISNLGNIHASNKIMFKLDGCRDPRRYIMIKYFNLFDKELNEKEIKDLYDSQSNSGILKDFWGN
YLQYDKPYYMLNLFDPNKYVDVNNVGIRGYMYLKGSRSTLLTTNIYLNSGLYMGTKFIIKKYASGNKDNIVRNNDRVYIN
VVVNNKEYRLATNASQAGVEKILSALEIPDIGNLSQVVVMKSKNDQGIRNKCKMNLQDNNGNDIGFIGFHKFNDIYKLVA
SNWYNRQIEISSRTFGCSWEFIPVDDGWGEKPL
;
_entity_poly.pdbx_strand_id   AAA
#
# COMPACT_ATOMS: atom_id res chain seq x y z
N ILE A 11 -11.51 -11.44 14.06
CA ILE A 11 -12.38 -10.80 13.01
C ILE A 11 -13.80 -11.37 13.12
N ASN A 12 -13.94 -12.68 13.36
CA ASN A 12 -15.26 -13.34 13.46
C ASN A 12 -15.96 -12.83 14.73
N THR A 13 -15.22 -12.18 15.64
CA THR A 13 -15.79 -11.58 16.89
C THR A 13 -15.67 -10.05 16.85
N SER A 14 -15.58 -9.45 15.67
CA SER A 14 -15.70 -7.97 15.56
C SER A 14 -17.18 -7.62 15.74
N ILE A 15 -17.52 -6.40 16.11
CA ILE A 15 -18.93 -5.95 16.18
C ILE A 15 -19.32 -5.29 14.85
N LEU A 16 -18.35 -5.00 13.99
CA LEU A 16 -18.65 -4.42 12.64
C LEU A 16 -17.52 -4.87 11.75
N SER A 17 -17.86 -5.48 10.62
CA SER A 17 -16.87 -5.94 9.65
C SER A 17 -17.38 -5.61 8.26
N LEU A 18 -16.99 -4.44 7.78
CA LEU A 18 -17.43 -3.88 6.49
C LEU A 18 -16.63 -4.55 5.39
N ARG A 19 -17.33 -5.27 4.52
CA ARG A 19 -16.66 -6.01 3.42
C ARG A 19 -17.53 -5.98 2.17
N TYR A 20 -16.86 -5.98 1.03
CA TYR A 20 -17.47 -6.27 -0.28
C TYR A 20 -17.39 -7.77 -0.49
N GLU A 21 -18.54 -8.39 -0.45
CA GLU A 21 -18.69 -9.86 -0.48
C GLU A 21 -19.98 -10.15 -1.23
N ASN A 22 -19.96 -11.11 -2.16
CA ASN A 22 -21.15 -11.54 -2.91
C ASN A 22 -21.73 -10.32 -3.61
N ASN A 23 -20.86 -9.50 -4.22
CA ASN A 23 -21.25 -8.42 -5.16
C ASN A 23 -21.91 -7.27 -4.43
N HIS A 24 -21.78 -7.11 -3.12
CA HIS A 24 -22.34 -5.93 -2.40
CA HIS A 24 -22.30 -5.90 -2.44
C HIS A 24 -21.49 -5.59 -1.16
N LEU A 25 -21.55 -4.33 -0.72
CA LEU A 25 -20.87 -3.93 0.53
C LEU A 25 -21.84 -4.21 1.68
N ILE A 26 -21.44 -5.08 2.61
CA ILE A 26 -22.29 -5.44 3.77
C ILE A 26 -21.44 -5.56 5.03
N ASP A 27 -22.15 -5.61 6.16
CA ASP A 27 -21.56 -5.94 7.47
C ASP A 27 -21.55 -7.46 7.64
N LEU A 28 -20.38 -8.07 7.77
CA LEU A 28 -20.28 -9.55 7.93
C LEU A 28 -20.35 -9.95 9.39
N SER A 29 -20.39 -8.99 10.31
CA SER A 29 -20.48 -9.29 11.77
C SER A 29 -21.83 -9.95 12.08
N ARG A 30 -21.92 -10.54 13.26
CA ARG A 30 -23.17 -11.16 13.74
C ARG A 30 -24.29 -10.12 13.86
N TYR A 31 -24.00 -8.82 13.93
CA TYR A 31 -25.04 -7.77 14.15
C TYR A 31 -25.70 -7.35 12.84
N ALA A 32 -25.03 -7.56 11.73
CA ALA A 32 -25.59 -7.28 10.38
C ALA A 32 -26.17 -5.86 10.38
N SER A 33 -25.36 -4.86 10.68
CA SER A 33 -25.78 -3.45 10.68
C SER A 33 -26.11 -3.01 9.25
N LYS A 34 -27.03 -2.07 9.08
CA LYS A 34 -27.46 -1.56 7.74
C LYS A 34 -26.37 -0.65 7.16
N ILE A 35 -26.00 -0.84 5.89
CA ILE A 35 -25.02 0.03 5.17
C ILE A 35 -25.84 0.90 4.21
N ASN A 36 -25.78 2.22 4.33
CA ASN A 36 -26.34 3.14 3.29
C ASN A 36 -25.18 3.69 2.44
N ILE A 37 -25.16 3.44 1.15
CA ILE A 37 -24.06 3.98 0.31
C ILE A 37 -24.63 5.08 -0.58
N GLY A 38 -23.84 6.14 -0.79
CA GLY A 38 -24.22 7.25 -1.67
C GLY A 38 -23.97 6.83 -3.09
N SER A 39 -24.22 7.71 -4.05
CA SER A 39 -24.17 7.36 -5.49
C SER A 39 -22.76 7.49 -6.08
N ARG A 40 -21.78 8.00 -5.33
CA ARG A 40 -20.42 8.23 -5.84
C ARG A 40 -19.36 7.50 -4.98
N VAL A 41 -19.64 6.27 -4.59
CA VAL A 41 -18.68 5.39 -3.90
C VAL A 41 -18.08 4.43 -4.93
N ASN A 42 -16.78 4.53 -5.16
CA ASN A 42 -16.12 3.73 -6.21
C ASN A 42 -15.43 2.52 -5.59
N PHE A 43 -15.69 1.31 -6.10
CA PHE A 43 -15.05 0.04 -5.68
C PHE A 43 -14.04 -0.35 -6.76
N ASP A 44 -12.78 -0.56 -6.37
CA ASP A 44 -11.70 -0.86 -7.34
C ASP A 44 -11.99 -2.17 -8.08
N PRO A 45 -12.02 -2.17 -9.44
CA PRO A 45 -12.36 -3.39 -10.17
C PRO A 45 -11.44 -4.58 -9.84
N ILE A 46 -10.17 -4.33 -9.53
CA ILE A 46 -9.16 -5.41 -9.28
C ILE A 46 -9.43 -6.05 -7.91
N ASP A 47 -9.92 -5.25 -6.97
CA ASP A 47 -10.20 -5.68 -5.58
C ASP A 47 -11.25 -4.73 -5.01
N LYS A 48 -12.50 -5.19 -5.03
CA LYS A 48 -13.66 -4.32 -4.75
C LYS A 48 -13.71 -4.01 -3.26
N ASN A 49 -12.90 -4.66 -2.41
CA ASN A 49 -12.78 -4.21 -0.99
C ASN A 49 -12.08 -2.83 -0.89
N GLN A 50 -11.38 -2.39 -1.94
CA GLN A 50 -10.74 -1.04 -1.97
C GLN A 50 -11.77 0.00 -2.38
N ILE A 51 -12.19 0.79 -1.41
CA ILE A 51 -13.26 1.79 -1.56
C ILE A 51 -12.61 3.17 -1.74
N GLN A 52 -13.03 3.87 -2.78
CA GLN A 52 -12.57 5.26 -3.06
C GLN A 52 -13.73 6.20 -2.74
N LEU A 53 -13.45 7.14 -1.82
CA LEU A 53 -14.34 8.27 -1.44
C LEU A 53 -13.77 9.59 -1.96
N PHE A 54 -14.53 10.25 -2.82
CA PHE A 54 -14.14 11.55 -3.43
C PHE A 54 -14.57 12.68 -2.50
N ASN A 55 -14.16 13.91 -2.77
CA ASN A 55 -14.64 15.12 -2.05
C ASN A 55 -15.94 15.59 -2.69
N LEU A 56 -16.98 14.79 -2.53
CA LEU A 56 -18.31 15.03 -3.13
C LEU A 56 -19.30 14.59 -2.08
N GLU A 57 -20.40 15.33 -1.90
CA GLU A 57 -21.48 15.01 -0.93
C GLU A 57 -22.06 13.60 -1.16
N SER A 58 -22.12 13.08 -2.41
CA SER A 58 -22.69 11.76 -2.75
C SER A 58 -21.66 10.65 -2.55
N SER A 59 -20.41 10.97 -2.23
CA SER A 59 -19.36 9.97 -1.98
C SER A 59 -19.30 9.69 -0.46
N LYS A 60 -20.14 8.79 0.01
CA LYS A 60 -20.29 8.53 1.46
C LYS A 60 -20.84 7.12 1.68
N ILE A 61 -20.44 6.55 2.82
CA ILE A 61 -20.99 5.28 3.36
C ILE A 61 -21.45 5.62 4.77
N GLU A 62 -22.70 5.26 5.10
CA GLU A 62 -23.22 5.48 6.47
C GLU A 62 -23.61 4.12 7.03
N VAL A 63 -23.03 3.75 8.15
CA VAL A 63 -23.39 2.48 8.86
C VAL A 63 -24.38 2.88 9.93
N ILE A 64 -25.57 2.24 9.92
CA ILE A 64 -26.58 2.45 11.00
C ILE A 64 -26.37 1.28 11.97
N LEU A 65 -25.76 1.57 13.13
CA LEU A 65 -25.37 0.49 14.06
C LEU A 65 -26.63 -0.12 14.69
N LYS A 66 -26.61 -1.42 14.89
CA LYS A 66 -27.62 -2.07 15.75
C LYS A 66 -27.58 -1.39 17.13
N ASN A 67 -28.77 -1.11 17.68
CA ASN A 67 -28.92 -0.52 19.03
C ASN A 67 -28.02 -1.23 20.04
N ALA A 68 -27.80 -2.54 19.92
CA ALA A 68 -27.00 -3.37 20.86
C ALA A 68 -25.54 -2.93 20.90
N ILE A 69 -25.01 -2.30 19.85
CA ILE A 69 -23.57 -1.98 19.75
C ILE A 69 -23.35 -0.49 19.65
N VAL A 70 -24.37 0.37 19.74
CA VAL A 70 -24.13 1.83 19.81
C VAL A 70 -23.29 2.08 21.07
N TYR A 71 -22.25 2.89 20.96
CA TYR A 71 -21.36 3.16 22.12
C TYR A 71 -22.00 4.21 23.03
N ASN A 72 -22.23 3.84 24.30
CA ASN A 72 -22.78 4.77 25.32
C ASN A 72 -22.30 4.22 26.66
N SER A 73 -21.11 4.61 27.06
CA SER A 73 -20.41 3.95 28.18
C SER A 73 -19.40 4.88 28.83
N MET A 74 -19.15 4.58 30.12
CA MET A 74 -18.01 5.05 30.91
C MET A 74 -16.89 4.01 30.88
N TYR A 75 -17.13 2.75 30.45
CA TYR A 75 -16.23 1.60 30.75
C TYR A 75 -15.77 0.80 29.55
N GLU A 76 -16.59 0.71 28.51
CA GLU A 76 -16.40 -0.28 27.41
C GLU A 76 -15.11 0.06 26.65
N ASN A 77 -14.20 -0.90 26.57
CA ASN A 77 -12.99 -0.74 25.75
C ASN A 77 -13.43 -0.99 24.29
N PHE A 78 -12.77 -0.38 23.35
CA PHE A 78 -13.07 -0.63 21.91
C PHE A 78 -11.87 -0.27 21.05
N SER A 79 -11.79 -0.86 19.86
CA SER A 79 -10.68 -0.67 18.91
C SER A 79 -11.30 -0.60 17.51
N THR A 80 -10.64 0.14 16.64
CA THR A 80 -10.97 0.11 15.18
C THR A 80 -9.72 -0.24 14.41
N SER A 81 -9.89 -0.92 13.27
CA SER A 81 -8.77 -1.21 12.37
C SER A 81 -9.25 -0.98 10.95
N PHE A 82 -8.36 -0.50 10.10
CA PHE A 82 -8.67 -0.32 8.66
C PHE A 82 -7.38 0.01 7.95
N TRP A 83 -7.39 -0.19 6.65
CA TRP A 83 -6.25 0.25 5.83
C TRP A 83 -6.68 1.51 5.09
N ILE A 84 -5.72 2.39 4.90
CA ILE A 84 -6.01 3.65 4.19
C ILE A 84 -4.87 3.97 3.23
N LYS A 85 -5.25 4.58 2.11
CA LYS A 85 -4.30 5.09 1.08
C LYS A 85 -4.64 6.55 0.87
N ILE A 86 -3.71 7.42 1.23
CA ILE A 86 -3.94 8.88 1.28
C ILE A 86 -3.08 9.54 0.22
N PRO A 87 -3.68 10.08 -0.85
CA PRO A 87 -2.88 10.71 -1.89
C PRO A 87 -2.00 11.84 -1.33
N LYS A 88 -0.90 12.10 -2.04
CA LYS A 88 0.00 13.20 -1.67
C LYS A 88 -0.78 14.53 -1.60
N TYR A 89 -0.45 15.37 -0.64
CA TYR A 89 -0.96 16.76 -0.53
C TYR A 89 -0.15 17.63 -1.49
N PHE A 90 -0.83 18.28 -2.44
CA PHE A 90 -0.18 18.85 -3.64
C PHE A 90 0.00 20.36 -3.53
N SER A 91 -0.79 21.03 -2.68
CA SER A 91 -0.69 22.49 -2.63
C SER A 91 -0.99 23.07 -1.24
N GLU A 92 -0.76 24.38 -1.10
CA GLU A 92 -0.99 25.15 0.15
C GLU A 92 -2.43 25.05 0.64
N ILE A 93 -3.40 24.78 -0.23
CA ILE A 93 -4.83 24.68 0.17
C ILE A 93 -4.98 23.54 1.20
N SER A 94 -4.07 22.57 1.22
CA SER A 94 -4.16 21.42 2.17
C SER A 94 -3.49 21.72 3.52
N LEU A 95 -2.68 22.79 3.62
CA LEU A 95 -2.06 23.13 4.93
C LEU A 95 -3.16 23.61 5.88
N ASN A 96 -3.10 23.25 7.14
CA ASN A 96 -4.02 23.83 8.16
C ASN A 96 -5.47 23.61 7.71
N ASN A 97 -5.81 22.37 7.34
CA ASN A 97 -7.19 21.99 6.92
C ASN A 97 -7.50 20.59 7.47
N GLU A 98 -7.79 20.51 8.74
CA GLU A 98 -8.26 19.24 9.32
C GLU A 98 -9.62 18.92 8.71
N TYR A 99 -9.77 17.72 8.19
CA TYR A 99 -11.05 17.24 7.61
C TYR A 99 -11.32 15.86 8.19
N THR A 100 -12.59 15.66 8.52
CA THR A 100 -13.11 14.39 9.10
C THR A 100 -13.22 13.41 7.93
N ILE A 101 -12.92 12.14 8.17
CA ILE A 101 -13.13 11.05 7.17
C ILE A 101 -14.06 9.98 7.76
N ILE A 102 -13.99 9.70 9.07
CA ILE A 102 -14.86 8.65 9.68
C ILE A 102 -15.47 9.27 10.94
N ASN A 103 -16.77 9.48 10.93
N ASN A 103 -16.76 9.57 10.87
CA ASN A 103 -17.42 10.36 11.92
CA ASN A 103 -17.45 10.35 11.94
C ASN A 103 -18.44 9.57 12.75
C ASN A 103 -18.36 9.41 12.74
N CYS A 104 -18.22 9.46 14.07
CA CYS A 104 -19.17 8.84 15.03
C CYS A 104 -19.38 9.80 16.21
N ILE A 105 -19.44 11.08 15.89
CA ILE A 105 -19.73 12.17 16.86
C ILE A 105 -21.17 12.56 16.69
N GLU A 106 -21.89 12.76 17.80
CA GLU A 106 -23.24 13.32 17.79
C GLU A 106 -23.39 14.17 19.03
N ASN A 107 -23.93 15.38 18.89
CA ASN A 107 -24.17 16.26 20.07
C ASN A 107 -22.85 16.42 20.86
N ASN A 108 -21.74 16.56 20.16
CA ASN A 108 -20.41 16.92 20.73
C ASN A 108 -19.93 15.81 21.68
N SER A 109 -20.18 14.56 21.32
CA SER A 109 -19.61 13.38 22.00
C SER A 109 -19.46 12.23 21.01
N GLY A 110 -18.46 11.38 21.20
CA GLY A 110 -18.22 10.18 20.38
C GLY A 110 -16.78 10.07 19.96
N TRP A 111 -16.56 9.55 18.74
CA TRP A 111 -15.20 9.35 18.24
C TRP A 111 -15.19 9.72 16.75
N LYS A 112 -14.03 10.13 16.29
CA LYS A 112 -13.83 10.31 14.82
C LYS A 112 -12.36 10.12 14.42
N VAL A 113 -12.22 9.76 13.15
CA VAL A 113 -10.90 9.81 12.45
C VAL A 113 -10.93 11.01 11.53
N SER A 114 -9.84 11.75 11.53
CA SER A 114 -9.70 12.95 10.68
CA SER A 114 -9.66 13.02 10.76
C SER A 114 -8.28 12.97 10.12
N LEU A 115 -8.13 13.74 9.05
CA LEU A 115 -6.82 13.86 8.36
C LEU A 115 -6.44 15.32 8.30
N ASN A 116 -5.15 15.55 8.11
CA ASN A 116 -4.66 16.92 7.84
C ASN A 116 -3.40 16.71 7.03
N TYR A 117 -2.82 17.79 6.57
CA TYR A 117 -1.50 17.70 5.90
C TYR A 117 -0.54 16.88 6.76
N GLY A 118 -0.08 15.74 6.26
CA GLY A 118 0.87 14.84 6.93
C GLY A 118 0.38 14.29 8.27
N GLU A 119 -0.95 14.16 8.49
CA GLU A 119 -1.44 13.68 9.81
C GLU A 119 -2.63 12.72 9.64
N ILE A 120 -2.68 11.71 10.50
CA ILE A 120 -3.89 10.88 10.79
C ILE A 120 -4.20 11.10 12.27
N ILE A 121 -5.42 11.53 12.57
CA ILE A 121 -5.88 11.98 13.92
C ILE A 121 -7.06 11.16 14.41
N TRP A 122 -6.95 10.69 15.64
CA TRP A 122 -8.03 9.99 16.34
C TRP A 122 -8.49 10.93 17.44
N THR A 123 -9.78 11.17 17.50
CA THR A 123 -10.38 12.09 18.51
C THR A 123 -11.42 11.30 19.32
N LEU A 124 -11.39 11.40 20.66
CA LEU A 124 -12.43 10.88 21.58
C LEU A 124 -12.98 12.12 22.28
N GLN A 125 -14.29 12.21 22.36
CA GLN A 125 -14.96 13.34 23.04
C GLN A 125 -16.05 12.84 24.02
N ASP A 126 -15.99 13.28 25.29
CA ASP A 126 -16.94 12.76 26.29
C ASP A 126 -18.15 13.69 26.36
N ASN A 127 -19.14 13.31 27.13
CA ASN A 127 -20.44 14.04 27.21
C ASN A 127 -20.24 15.43 27.80
N LYS A 128 -19.08 15.71 28.42
CA LYS A 128 -18.76 17.06 28.93
C LYS A 128 -18.01 17.87 27.86
N GLN A 129 -17.85 17.30 26.67
CA GLN A 129 -17.16 17.90 25.48
C GLN A 129 -15.64 17.93 25.67
N ASN A 130 -15.08 17.29 26.71
CA ASN A 130 -13.62 17.17 26.85
C ASN A 130 -13.09 16.25 25.73
N ILE A 131 -11.92 16.56 25.20
CA ILE A 131 -11.33 15.88 24.00
C ILE A 131 -9.96 15.31 24.34
N GLN A 132 -9.68 14.10 23.87
CA GLN A 132 -8.30 13.58 23.76
C GLN A 132 -8.05 13.19 22.29
N ARG A 133 -6.86 13.53 21.79
CA ARG A 133 -6.45 13.27 20.39
C ARG A 133 -5.18 12.44 20.45
N VAL A 134 -5.06 11.50 19.54
CA VAL A 134 -3.80 10.75 19.29
C VAL A 134 -3.50 10.95 17.80
N VAL A 135 -2.24 11.19 17.44
CA VAL A 135 -1.89 11.64 16.06
C VAL A 135 -0.70 10.87 15.55
N PHE A 136 -0.79 10.41 14.31
CA PHE A 136 0.35 9.95 13.51
C PHE A 136 0.74 11.06 12.53
N LYS A 137 1.97 11.54 12.62
CA LYS A 137 2.52 12.54 11.68
C LYS A 137 3.53 11.89 10.73
N TYR A 138 3.42 12.20 9.44
CA TYR A 138 4.39 11.74 8.43
C TYR A 138 4.83 12.96 7.59
N SER A 139 6.06 12.95 7.13
CA SER A 139 6.65 14.08 6.36
C SER A 139 6.39 13.88 4.86
N GLN A 140 6.23 14.96 4.12
CA GLN A 140 6.28 14.91 2.63
C GLN A 140 7.65 15.42 2.11
N MET A 141 8.59 15.69 3.00
CA MET A 141 9.96 16.09 2.64
C MET A 141 10.85 14.87 2.87
N VAL A 142 10.80 13.92 1.96
CA VAL A 142 11.43 12.58 2.11
C VAL A 142 11.66 12.02 0.71
N ALA A 143 12.80 11.37 0.49
CA ALA A 143 13.15 10.90 -0.87
C ALA A 143 12.13 9.85 -1.32
N ILE A 144 11.95 8.80 -0.55
CA ILE A 144 10.97 7.70 -0.82
C ILE A 144 10.16 7.48 0.46
N SER A 145 8.87 7.80 0.42
CA SER A 145 7.96 7.72 1.59
C SER A 145 7.41 6.31 1.76
N ASP A 146 7.35 5.85 3.00
CA ASP A 146 6.61 4.62 3.38
C ASP A 146 5.11 4.87 3.39
N TYR A 147 4.66 6.13 3.39
CA TYR A 147 3.28 6.47 3.77
C TYR A 147 2.54 7.19 2.63
N ILE A 148 3.19 8.08 1.89
CA ILE A 148 2.46 8.94 0.91
C ILE A 148 1.85 8.07 -0.18
N ASN A 149 0.52 8.05 -0.30
CA ASN A 149 -0.22 7.31 -1.36
C ASN A 149 0.05 5.80 -1.33
N ARG A 150 0.50 5.26 -0.19
CA ARG A 150 0.68 3.79 -0.03
C ARG A 150 -0.31 3.28 1.03
N TRP A 151 -0.79 2.05 0.83
CA TRP A 151 -1.73 1.40 1.76
C TRP A 151 -1.02 1.30 3.09
N ILE A 152 -1.61 1.88 4.10
CA ILE A 152 -1.07 1.68 5.47
C ILE A 152 -2.17 1.11 6.37
N PHE A 153 -1.74 0.31 7.35
CA PHE A 153 -2.64 -0.38 8.27
C PHE A 153 -2.73 0.43 9.55
N ILE A 154 -3.91 0.95 9.79
CA ILE A 154 -4.26 1.74 11.01
C ILE A 154 -4.93 0.83 12.05
N THR A 155 -4.50 0.95 13.31
CA THR A 155 -5.22 0.35 14.43
C THR A 155 -5.26 1.34 15.58
N ILE A 156 -6.44 1.67 16.05
CA ILE A 156 -6.63 2.53 17.26
C ILE A 156 -7.27 1.68 18.37
N THR A 157 -6.68 1.68 19.57
CA THR A 157 -7.24 0.91 20.69
C THR A 157 -7.56 1.91 21.80
N ASN A 158 -8.61 1.64 22.56
CA ASN A 158 -9.10 2.53 23.63
C ASN A 158 -9.37 1.68 24.87
N ASN A 159 -8.66 1.96 25.95
CA ASN A 159 -8.85 1.36 27.29
C ASN A 159 -9.32 2.51 28.19
N ARG A 160 -10.58 2.48 28.62
CA ARG A 160 -11.28 3.61 29.26
C ARG A 160 -10.58 3.88 30.61
N LEU A 161 -9.76 2.94 31.08
CA LEU A 161 -9.06 3.12 32.38
C LEU A 161 -7.65 3.62 32.15
N THR A 162 -7.14 3.56 30.90
CA THR A 162 -5.72 3.84 30.64
C THR A 162 -5.58 4.82 29.47
N LYS A 163 -5.34 4.28 28.27
CA LYS A 163 -4.86 5.12 27.17
C LYS A 163 -5.59 4.76 25.90
N SER A 164 -5.60 5.75 25.02
CA SER A 164 -5.85 5.58 23.57
CA SER A 164 -5.85 5.61 23.56
C SER A 164 -4.51 5.45 22.86
N LYS A 165 -4.41 4.50 21.91
CA LYS A 165 -3.17 4.13 21.25
C LYS A 165 -3.43 4.06 19.76
N ILE A 166 -2.55 4.66 19.00
CA ILE A 166 -2.53 4.51 17.51
C ILE A 166 -1.32 3.69 17.10
N TYR A 167 -1.58 2.68 16.28
CA TYR A 167 -0.58 1.77 15.66
C TYR A 167 -0.63 1.98 14.15
N ILE A 168 0.55 1.96 13.53
CA ILE A 168 0.74 2.08 12.07
C ILE A 168 1.50 0.83 11.66
N ASN A 169 0.93 0.05 10.76
CA ASN A 169 1.58 -1.18 10.22
C ASN A 169 2.06 -2.02 11.42
N GLY A 170 1.21 -2.13 12.42
CA GLY A 170 1.42 -3.01 13.59
C GLY A 170 2.36 -2.42 14.64
N ARG A 171 2.89 -1.21 14.46
CA ARG A 171 3.87 -0.58 15.38
C ARG A 171 3.21 0.55 16.18
N LEU A 172 3.39 0.57 17.52
CA LEU A 172 2.80 1.64 18.35
C LEU A 172 3.45 2.98 17.98
N ILE A 173 2.65 4.01 17.73
CA ILE A 173 3.18 5.32 17.30
C ILE A 173 2.98 6.35 18.42
N ASP A 174 1.75 6.46 18.90
CA ASP A 174 1.39 7.53 19.87
C ASP A 174 0.41 6.91 20.88
N GLN A 175 0.46 7.39 22.12
CA GLN A 175 -0.54 7.03 23.15
C GLN A 175 -0.79 8.25 24.01
N LYS A 176 -2.01 8.39 24.49
CA LYS A 176 -2.42 9.45 25.43
C LYS A 176 -3.36 8.84 26.44
N PRO A 177 -3.30 9.31 27.69
CA PRO A 177 -4.23 8.88 28.73
C PRO A 177 -5.65 9.39 28.47
N ILE A 178 -6.65 8.56 28.81
CA ILE A 178 -8.08 8.96 28.68
C ILE A 178 -8.86 8.68 29.96
N SER A 179 -8.18 8.29 31.05
CA SER A 179 -8.89 7.95 32.31
C SER A 179 -9.69 9.17 32.78
N ASN A 180 -9.29 10.39 32.43
CA ASN A 180 -10.04 11.58 32.91
C ASN A 180 -11.29 11.82 32.06
N LEU A 181 -11.55 11.09 30.96
CA LEU A 181 -12.84 11.20 30.21
C LEU A 181 -13.93 10.37 30.88
N GLY A 182 -15.15 10.91 30.96
CA GLY A 182 -16.33 10.27 31.54
C GLY A 182 -17.20 9.54 30.53
N ASN A 183 -18.52 9.69 30.66
CA ASN A 183 -19.47 9.04 29.74
C ASN A 183 -19.18 9.51 28.32
N ILE A 184 -19.03 8.56 27.41
CA ILE A 184 -18.95 8.80 25.94
C ILE A 184 -20.23 8.20 25.34
N HIS A 185 -21.05 9.06 24.77
CA HIS A 185 -22.25 8.68 24.00
C HIS A 185 -22.01 9.01 22.52
N ALA A 186 -21.55 8.02 21.75
CA ALA A 186 -21.23 8.21 20.34
C ALA A 186 -22.52 8.23 19.51
N SER A 187 -22.37 8.43 18.21
CA SER A 187 -23.50 8.39 17.25
C SER A 187 -23.97 6.94 17.09
N ASN A 188 -25.23 6.75 16.73
CA ASN A 188 -25.73 5.44 16.27
C ASN A 188 -25.42 5.29 14.77
N LYS A 189 -24.76 6.27 14.14
CA LYS A 189 -24.32 6.14 12.74
C LYS A 189 -22.81 6.36 12.65
N ILE A 190 -22.16 5.65 11.75
CA ILE A 190 -20.76 5.96 11.40
C ILE A 190 -20.79 6.51 9.97
N MET A 191 -20.28 7.70 9.76
CA MET A 191 -20.29 8.30 8.40
C MET A 191 -18.86 8.32 7.89
N PHE A 192 -18.62 7.58 6.82
CA PHE A 192 -17.38 7.59 6.02
C PHE A 192 -17.62 8.61 4.92
N LYS A 193 -16.93 9.74 4.98
CA LYS A 193 -17.18 10.88 4.06
C LYS A 193 -16.09 11.91 4.33
N LEU A 194 -15.63 12.59 3.30
CA LEU A 194 -14.68 13.70 3.52
C LEU A 194 -15.50 14.89 3.97
N ASP A 195 -15.30 15.31 5.21
CA ASP A 195 -16.10 16.42 5.79
C ASP A 195 -15.21 17.62 6.08
N GLY A 196 -15.44 18.74 5.43
CA GLY A 196 -14.71 20.00 5.64
C GLY A 196 -13.37 20.06 4.92
N CYS A 197 -13.14 19.26 3.89
CA CYS A 197 -11.91 19.27 3.07
C CYS A 197 -12.06 20.35 2.00
N ARG A 198 -11.12 21.31 1.95
CA ARG A 198 -11.19 22.47 1.01
C ARG A 198 -10.54 22.14 -0.34
N ASP A 199 -9.84 21.01 -0.48
CA ASP A 199 -9.21 20.58 -1.75
C ASP A 199 -10.22 19.80 -2.58
N PRO A 200 -10.77 20.33 -3.68
CA PRO A 200 -11.86 19.64 -4.39
C PRO A 200 -11.44 18.33 -5.06
N ARG A 201 -10.13 18.10 -5.32
CA ARG A 201 -9.58 16.86 -5.98
C ARG A 201 -9.21 15.78 -4.96
N ARG A 202 -9.30 16.07 -3.67
CA ARG A 202 -8.92 15.13 -2.60
C ARG A 202 -9.81 13.88 -2.65
N TYR A 203 -9.21 12.74 -2.38
CA TYR A 203 -9.96 11.49 -2.15
C TYR A 203 -9.21 10.71 -1.08
N ILE A 204 -9.85 9.67 -0.57
CA ILE A 204 -9.12 8.63 0.17
C ILE A 204 -9.56 7.30 -0.38
N MET A 205 -8.71 6.29 -0.18
CA MET A 205 -9.08 4.87 -0.37
C MET A 205 -8.98 4.15 0.96
N ILE A 206 -10.00 3.36 1.27
CA ILE A 206 -10.11 2.65 2.57
C ILE A 206 -10.41 1.19 2.28
N LYS A 207 -9.95 0.32 3.15
CA LYS A 207 -10.33 -1.10 3.04
C LYS A 207 -10.33 -1.81 4.40
N TYR A 208 -11.19 -2.84 4.50
CA TYR A 208 -11.22 -3.79 5.62
C TYR A 208 -11.50 -3.09 6.94
N PHE A 209 -12.49 -2.21 6.95
CA PHE A 209 -12.89 -1.56 8.22
C PHE A 209 -13.48 -2.57 9.22
N ASN A 210 -12.97 -2.50 10.46
CA ASN A 210 -13.50 -3.29 11.58
C ASN A 210 -13.60 -2.40 12.84
N LEU A 211 -14.62 -2.70 13.65
CA LEU A 211 -14.84 -2.22 15.02
C LEU A 211 -14.88 -3.45 15.95
N PHE A 212 -14.25 -3.31 17.12
CA PHE A 212 -14.09 -4.37 18.14
C PHE A 212 -14.55 -3.79 19.47
N ASP A 213 -15.29 -4.58 20.27
CA ASP A 213 -15.69 -4.13 21.63
C ASP A 213 -14.63 -4.61 22.64
N LYS A 214 -13.34 -4.49 22.30
CA LYS A 214 -12.22 -4.72 23.24
C LYS A 214 -11.01 -3.85 22.86
N GLU A 215 -10.06 -3.75 23.77
CA GLU A 215 -8.70 -3.20 23.54
C GLU A 215 -7.85 -4.32 22.94
N LEU A 216 -7.59 -4.27 21.63
CA LEU A 216 -6.68 -5.24 20.97
C LEU A 216 -5.29 -5.13 21.57
N ASN A 217 -4.62 -6.27 21.74
CA ASN A 217 -3.22 -6.29 22.23
C ASN A 217 -2.28 -6.35 21.02
N GLU A 218 -0.98 -6.15 21.29
CA GLU A 218 0.07 -5.97 20.26
C GLU A 218 0.13 -7.20 19.36
N LYS A 219 -0.01 -8.40 19.93
CA LYS A 219 0.02 -9.69 19.17
C LYS A 219 -1.20 -9.79 18.24
N GLU A 220 -2.39 -9.49 18.74
CA GLU A 220 -3.64 -9.47 17.94
C GLU A 220 -3.50 -8.49 16.76
N ILE A 221 -2.84 -7.34 16.99
CA ILE A 221 -2.71 -6.27 15.95
C ILE A 221 -1.75 -6.75 14.87
N LYS A 222 -0.62 -7.34 15.28
CA LYS A 222 0.35 -7.96 14.36
C LYS A 222 -0.33 -9.08 13.56
N ASP A 223 -1.10 -9.97 14.19
CA ASP A 223 -1.78 -11.08 13.48
C ASP A 223 -2.76 -10.50 12.45
N LEU A 224 -3.49 -9.44 12.81
CA LEU A 224 -4.47 -8.78 11.93
C LEU A 224 -3.73 -8.17 10.73
N TYR A 225 -2.63 -7.46 10.98
CA TYR A 225 -1.77 -6.88 9.91
C TYR A 225 -1.31 -7.97 8.95
N ASP A 226 -0.75 -9.06 9.48
CA ASP A 226 -0.26 -10.18 8.64
C ASP A 226 -1.42 -10.81 7.84
N SER A 227 -2.54 -11.09 8.50
CA SER A 227 -3.68 -11.80 7.88
C SER A 227 -4.34 -10.93 6.79
N GLN A 228 -4.50 -9.62 6.99
CA GLN A 228 -5.11 -8.73 5.96
C GLN A 228 -4.10 -8.28 4.89
N SER A 229 -2.82 -8.65 4.99
CA SER A 229 -1.78 -8.28 3.99
C SER A 229 -1.94 -9.07 2.67
N ASN A 230 -2.66 -10.21 2.64
CA ASN A 230 -2.85 -11.02 1.40
C ASN A 230 -1.48 -11.46 0.85
N SER A 231 -0.72 -12.20 1.65
CA SER A 231 0.73 -12.37 1.47
C SER A 231 1.01 -13.28 0.25
N GLY A 232 0.02 -14.04 -0.22
CA GLY A 232 0.14 -14.89 -1.42
C GLY A 232 0.07 -14.09 -2.71
N ILE A 233 -0.25 -12.80 -2.65
CA ILE A 233 -0.42 -11.92 -3.84
C ILE A 233 0.72 -10.90 -3.84
N LEU A 234 1.42 -10.74 -4.95
CA LEU A 234 2.54 -9.76 -5.00
C LEU A 234 1.87 -8.38 -5.00
N LYS A 235 2.55 -7.40 -4.43
CA LYS A 235 2.05 -6.00 -4.35
C LYS A 235 2.97 -5.11 -5.18
N ASP A 236 2.37 -4.04 -5.69
CA ASP A 236 3.11 -2.92 -6.31
C ASP A 236 3.47 -1.94 -5.20
N PHE A 237 4.19 -0.87 -5.54
CA PHE A 237 4.80 0.10 -4.61
C PHE A 237 3.71 0.69 -3.73
N TRP A 238 2.55 0.92 -4.35
CA TRP A 238 1.41 1.60 -3.67
C TRP A 238 0.73 0.61 -2.74
N GLY A 239 1.05 -0.68 -2.88
CA GLY A 239 0.42 -1.75 -2.10
C GLY A 239 -0.82 -2.27 -2.74
N ASN A 240 -1.11 -1.91 -3.99
CA ASN A 240 -2.15 -2.57 -4.80
C ASN A 240 -1.59 -3.90 -5.32
N TYR A 241 -2.47 -4.78 -5.74
CA TYR A 241 -2.05 -6.07 -6.30
C TYR A 241 -1.20 -5.87 -7.56
N LEU A 242 -0.11 -6.62 -7.66
CA LEU A 242 0.75 -6.61 -8.86
C LEU A 242 -0.06 -7.28 -9.97
N GLN A 243 0.02 -6.74 -11.18
CA GLN A 243 -0.79 -7.20 -12.31
C GLN A 243 0.06 -7.52 -13.54
N TYR A 244 -0.46 -8.42 -14.35
CA TYR A 244 0.07 -8.71 -15.71
C TYR A 244 -0.31 -7.57 -16.65
N ASP A 245 0.51 -7.36 -17.68
CA ASP A 245 0.21 -6.46 -18.83
C ASP A 245 -0.02 -5.04 -18.33
N LYS A 246 0.66 -4.61 -17.26
CA LYS A 246 0.57 -3.24 -16.69
C LYS A 246 1.99 -2.68 -16.59
N PRO A 247 2.31 -1.54 -17.24
CA PRO A 247 3.67 -1.00 -17.19
C PRO A 247 4.08 -0.52 -15.80
N TYR A 248 5.29 -0.87 -15.39
CA TYR A 248 5.88 -0.54 -14.08
C TYR A 248 7.24 0.12 -14.31
N TYR A 249 7.47 1.25 -13.64
CA TYR A 249 8.82 1.81 -13.40
C TYR A 249 9.43 1.07 -12.23
N MET A 250 10.74 0.85 -12.26
CA MET A 250 11.42 -0.02 -11.26
C MET A 250 12.19 0.80 -10.23
N LEU A 251 12.01 0.48 -8.95
CA LEU A 251 12.79 1.06 -7.84
C LEU A 251 13.59 -0.06 -7.19
N ASN A 252 14.91 0.08 -7.14
CA ASN A 252 15.82 -0.83 -6.41
C ASN A 252 15.96 -0.29 -4.98
N LEU A 253 15.63 -1.12 -3.99
CA LEU A 253 15.57 -0.69 -2.57
C LEU A 253 16.98 -0.59 -1.99
N PHE A 254 17.96 -1.25 -2.58
CA PHE A 254 19.37 -1.17 -2.14
C PHE A 254 19.98 0.16 -2.58
N ASP A 255 19.71 0.60 -3.82
CA ASP A 255 20.15 1.94 -4.32
C ASP A 255 18.95 2.66 -4.93
N PRO A 256 18.15 3.33 -4.09
CA PRO A 256 16.90 3.94 -4.53
C PRO A 256 17.09 5.21 -5.37
N ASN A 257 18.29 5.80 -5.46
CA ASN A 257 18.47 7.08 -6.20
C ASN A 257 18.84 6.81 -7.67
N LYS A 258 18.94 5.55 -8.06
CA LYS A 258 19.28 5.13 -9.44
C LYS A 258 18.02 4.64 -10.15
N TYR A 259 18.02 4.60 -11.47
CA TYR A 259 16.87 4.07 -12.23
C TYR A 259 17.42 3.18 -13.33
N VAL A 260 16.58 2.33 -13.87
CA VAL A 260 17.00 1.34 -14.89
C VAL A 260 17.04 1.99 -16.27
N ASP A 261 18.04 1.59 -17.05
CA ASP A 261 18.15 1.93 -18.48
C ASP A 261 18.73 0.72 -19.20
N VAL A 262 18.69 0.76 -20.53
CA VAL A 262 19.26 -0.25 -21.46
C VAL A 262 20.28 0.47 -22.34
N ASN A 263 21.54 0.03 -22.38
CA ASN A 263 22.55 0.68 -23.25
C ASN A 263 22.15 0.45 -24.71
N ASN A 264 21.88 -0.81 -25.10
CA ASN A 264 21.41 -1.22 -26.44
C ASN A 264 20.60 -2.52 -26.33
N VAL A 265 19.64 -2.74 -27.21
CA VAL A 265 18.88 -4.01 -27.28
C VAL A 265 19.76 -5.09 -27.91
N GLY A 266 19.46 -6.36 -27.69
CA GLY A 266 20.25 -7.49 -28.22
C GLY A 266 21.21 -8.09 -27.20
N ILE A 267 21.81 -9.22 -27.57
CA ILE A 267 22.64 -10.05 -26.64
C ILE A 267 23.91 -9.29 -26.25
N ARG A 268 24.37 -8.34 -27.06
CA ARG A 268 25.64 -7.61 -26.79
C ARG A 268 25.35 -6.42 -25.88
N GLY A 269 24.07 -6.12 -25.67
CA GLY A 269 23.64 -5.01 -24.81
C GLY A 269 23.43 -5.50 -23.39
N TYR A 270 23.09 -4.57 -22.51
CA TYR A 270 22.83 -4.89 -21.09
C TYR A 270 21.87 -3.82 -20.56
N MET A 271 21.24 -4.17 -19.46
CA MET A 271 20.45 -3.25 -18.63
C MET A 271 21.30 -2.92 -17.42
N TYR A 272 21.14 -1.73 -16.85
CA TYR A 272 22.00 -1.24 -15.76
C TYR A 272 21.26 -0.15 -14.99
N LEU A 273 21.72 0.05 -13.76
CA LEU A 273 21.19 1.07 -12.83
C LEU A 273 22.08 2.29 -12.98
N LYS A 274 21.49 3.49 -13.15
CA LYS A 274 22.25 4.71 -13.48
C LYS A 274 21.68 5.96 -12.84
N GLY A 275 22.53 6.99 -12.85
CA GLY A 275 22.14 8.41 -12.81
C GLY A 275 21.58 8.69 -11.44
N SER A 276 20.83 9.78 -11.32
CA SER A 276 20.12 10.19 -10.10
C SER A 276 18.67 10.44 -10.47
N ARG A 277 17.75 10.05 -9.61
CA ARG A 277 16.32 10.40 -9.80
C ARG A 277 16.17 11.92 -9.73
N SER A 278 15.21 12.45 -10.47
CA SER A 278 14.80 13.86 -10.44
C SER A 278 14.34 14.20 -9.03
N THR A 279 14.15 15.46 -8.81
CA THR A 279 13.64 16.03 -7.57
C THR A 279 12.26 16.61 -7.83
N LEU A 280 11.24 16.06 -7.18
CA LEU A 280 9.87 16.60 -7.30
C LEU A 280 9.72 17.61 -6.17
N LEU A 281 9.46 18.86 -6.50
CA LEU A 281 9.50 19.94 -5.52
C LEU A 281 8.26 20.81 -5.71
N THR A 282 7.51 20.99 -4.65
CA THR A 282 6.53 22.08 -4.52
C THR A 282 6.92 22.70 -3.19
N THR A 283 7.42 23.93 -3.27
CA THR A 283 8.10 24.60 -2.14
C THR A 283 7.16 24.62 -0.92
N ASN A 284 7.66 24.10 0.19
CA ASN A 284 7.01 24.00 1.52
C ASN A 284 5.87 22.95 1.56
N ILE A 285 5.64 22.19 0.50
CA ILE A 285 4.52 21.20 0.44
C ILE A 285 5.06 19.78 0.27
N TYR A 286 5.91 19.51 -0.75
CA TYR A 286 6.61 18.21 -0.84
C TYR A 286 7.98 18.38 -1.52
N LEU A 287 8.86 17.43 -1.19
CA LEU A 287 10.15 17.27 -1.88
C LEU A 287 10.46 15.78 -1.83
N ASN A 288 10.35 15.12 -2.99
CA ASN A 288 10.45 13.65 -3.11
C ASN A 288 11.35 13.35 -4.30
N SER A 289 11.82 12.11 -4.38
CA SER A 289 12.42 11.54 -5.60
C SER A 289 11.38 11.25 -6.67
N GLY A 290 11.67 11.60 -7.93
CA GLY A 290 10.81 11.21 -9.06
C GLY A 290 10.74 9.71 -9.21
N LEU A 291 9.54 9.17 -9.49
CA LEU A 291 9.35 7.69 -9.57
C LEU A 291 9.13 7.21 -11.00
N TYR A 292 8.63 8.06 -11.89
CA TYR A 292 8.33 7.68 -13.30
C TYR A 292 9.58 7.95 -14.14
N MET A 293 10.56 7.07 -14.02
CA MET A 293 11.89 7.21 -14.64
C MET A 293 12.35 5.84 -15.09
N GLY A 294 13.05 5.80 -16.22
CA GLY A 294 13.75 4.59 -16.67
C GLY A 294 12.86 3.70 -17.50
N THR A 295 13.42 2.54 -17.83
CA THR A 295 12.79 1.48 -18.64
C THR A 295 11.59 0.96 -17.89
N LYS A 296 10.46 0.88 -18.57
CA LYS A 296 9.24 0.24 -18.05
C LYS A 296 9.35 -1.29 -18.18
N PHE A 297 8.91 -2.00 -17.16
CA PHE A 297 8.81 -3.48 -17.16
C PHE A 297 7.33 -3.85 -17.24
N ILE A 298 7.02 -4.89 -17.99
CA ILE A 298 5.63 -5.42 -18.11
C ILE A 298 5.69 -6.93 -17.82
N ILE A 299 4.85 -7.42 -16.92
CA ILE A 299 4.89 -8.85 -16.56
C ILE A 299 3.92 -9.58 -17.47
N LYS A 300 4.38 -10.67 -18.12
CA LYS A 300 3.60 -11.42 -19.15
C LYS A 300 3.30 -12.81 -18.60
N LYS A 301 2.07 -13.30 -18.82
CA LYS A 301 1.72 -14.68 -18.43
C LYS A 301 2.59 -15.68 -19.20
N TYR A 302 3.09 -16.69 -18.50
CA TYR A 302 3.75 -17.88 -19.09
C TYR A 302 2.98 -19.14 -18.64
N ALA A 303 3.05 -19.50 -17.36
CA ALA A 303 2.46 -20.75 -16.81
C ALA A 303 1.08 -20.50 -16.19
N SER A 304 0.83 -19.33 -15.56
CA SER A 304 -0.51 -18.90 -15.08
C SER A 304 -0.44 -17.55 -14.35
N ASN A 306 -4.26 -19.04 -12.70
CA ASN A 306 -5.53 -18.25 -12.72
C ASN A 306 -5.71 -17.60 -14.09
N LYS A 307 -6.95 -17.22 -14.41
CA LYS A 307 -7.34 -16.51 -15.66
C LYS A 307 -7.48 -15.00 -15.39
N ASP A 308 -7.32 -14.54 -14.14
CA ASP A 308 -7.37 -13.09 -13.81
C ASP A 308 -5.96 -12.50 -14.07
N ASN A 309 -5.81 -11.19 -13.89
CA ASN A 309 -4.55 -10.45 -14.22
C ASN A 309 -3.68 -10.23 -12.98
N ILE A 310 -3.97 -10.89 -11.85
CA ILE A 310 -3.21 -10.73 -10.57
C ILE A 310 -1.98 -11.64 -10.55
N VAL A 311 -0.83 -11.08 -10.17
CA VAL A 311 0.45 -11.84 -10.05
C VAL A 311 0.53 -12.43 -8.65
N ARG A 312 0.58 -13.76 -8.57
CA ARG A 312 0.59 -14.51 -7.30
C ARG A 312 1.95 -15.12 -7.07
N ASN A 313 2.24 -15.37 -5.81
CA ASN A 313 3.45 -16.05 -5.35
C ASN A 313 3.65 -17.36 -6.13
N ASN A 314 4.85 -17.53 -6.66
CA ASN A 314 5.37 -18.68 -7.45
C ASN A 314 4.78 -18.71 -8.87
N ASP A 315 4.02 -17.70 -9.31
CA ASP A 315 3.67 -17.57 -10.76
C ASP A 315 4.98 -17.59 -11.57
N ARG A 316 4.99 -18.30 -12.70
CA ARG A 316 6.14 -18.29 -13.63
C ARG A 316 5.74 -17.41 -14.82
N VAL A 317 6.60 -16.44 -15.15
CA VAL A 317 6.21 -15.29 -16.00
C VAL A 317 7.36 -14.99 -16.96
N TYR A 318 7.07 -14.21 -17.99
CA TYR A 318 8.09 -13.46 -18.75
C TYR A 318 8.07 -11.99 -18.29
N ILE A 319 9.23 -11.33 -18.38
CA ILE A 319 9.35 -9.87 -18.20
C ILE A 319 9.67 -9.25 -19.55
N ASN A 320 8.78 -8.37 -20.00
CA ASN A 320 9.05 -7.51 -21.18
C ASN A 320 9.60 -6.19 -20.67
N VAL A 321 10.49 -5.59 -21.44
CA VAL A 321 11.00 -4.24 -21.12
C VAL A 321 10.70 -3.32 -22.30
N VAL A 322 10.40 -2.05 -22.04
CA VAL A 322 9.98 -1.10 -23.10
C VAL A 322 11.20 -0.25 -23.46
N VAL A 323 11.66 -0.34 -24.71
CA VAL A 323 12.81 0.47 -25.20
C VAL A 323 12.35 1.15 -26.48
N ASN A 324 12.41 2.48 -26.53
CA ASN A 324 12.04 3.29 -27.72
C ASN A 324 10.63 2.91 -28.15
N ASN A 325 9.75 2.70 -27.18
CA ASN A 325 8.29 2.55 -27.39
C ASN A 325 7.97 1.17 -27.95
N LYS A 326 8.91 0.22 -27.85
CA LYS A 326 8.70 -1.15 -28.36
C LYS A 326 9.04 -2.16 -27.25
N GLU A 327 8.36 -3.30 -27.20
CA GLU A 327 8.57 -4.35 -26.16
C GLU A 327 9.69 -5.30 -26.57
N TYR A 328 10.63 -5.53 -25.66
CA TYR A 328 11.73 -6.51 -25.75
C TYR A 328 11.55 -7.51 -24.61
N ARG A 329 12.29 -8.60 -24.65
CA ARG A 329 12.19 -9.69 -23.65
C ARG A 329 13.42 -9.64 -22.75
N LEU A 330 13.23 -9.58 -21.44
CA LEU A 330 14.33 -9.65 -20.45
C LEU A 330 14.88 -11.07 -20.45
N ALA A 331 16.16 -11.26 -20.71
CA ALA A 331 16.71 -12.63 -20.89
C ALA A 331 18.21 -12.65 -20.60
N THR A 332 18.79 -13.84 -20.59
CA THR A 332 20.25 -13.99 -20.38
C THR A 332 20.71 -15.31 -21.00
N ASN A 333 22.00 -15.35 -21.34
CA ASN A 333 22.73 -16.61 -21.58
C ASN A 333 23.32 -17.08 -20.25
N ALA A 334 22.69 -18.09 -19.63
CA ALA A 334 23.07 -18.61 -18.30
C ALA A 334 24.47 -19.24 -18.35
N SER A 335 25.02 -19.47 -19.56
CA SER A 335 26.33 -20.15 -19.79
C SER A 335 27.50 -19.17 -19.70
N GLN A 336 27.26 -17.88 -19.50
CA GLN A 336 28.36 -16.88 -19.39
C GLN A 336 29.11 -17.07 -18.06
N ALA A 337 30.38 -16.66 -18.05
CA ALA A 337 31.34 -16.81 -16.93
C ALA A 337 30.79 -16.14 -15.66
N GLY A 338 30.87 -16.83 -14.52
CA GLY A 338 30.54 -16.27 -13.19
C GLY A 338 29.10 -16.55 -12.77
N VAL A 339 28.85 -16.53 -11.46
CA VAL A 339 27.51 -16.72 -10.84
C VAL A 339 26.58 -15.57 -11.25
N GLU A 340 27.14 -14.38 -11.53
CA GLU A 340 26.35 -13.18 -11.97
C GLU A 340 26.07 -13.25 -13.47
N LYS A 341 24.82 -13.50 -13.88
CA LYS A 341 24.44 -13.56 -15.32
C LYS A 341 23.86 -12.19 -15.73
N ILE A 342 24.52 -11.48 -16.66
CA ILE A 342 24.10 -10.12 -17.11
C ILE A 342 22.83 -10.31 -17.95
N LEU A 343 21.80 -9.50 -17.67
CA LEU A 343 20.53 -9.51 -18.43
C LEU A 343 20.64 -8.57 -19.62
N SER A 344 19.96 -8.93 -20.70
CA SER A 344 19.81 -8.18 -21.97
C SER A 344 18.34 -8.00 -22.30
N ALA A 345 18.05 -7.04 -23.18
CA ALA A 345 16.70 -6.83 -23.78
C ALA A 345 16.70 -7.38 -25.21
N LEU A 346 16.00 -8.50 -25.45
CA LEU A 346 16.07 -9.20 -26.76
C LEU A 346 14.78 -9.08 -27.56
N GLU A 347 14.91 -9.17 -28.88
CA GLU A 347 13.74 -9.27 -29.78
C GLU A 347 12.95 -10.52 -29.41
N ILE A 348 11.64 -10.38 -29.19
CA ILE A 348 10.75 -11.50 -28.77
C ILE A 348 10.76 -12.61 -29.82
N PRO A 349 10.46 -12.36 -31.10
CA PRO A 349 10.53 -13.43 -32.09
C PRO A 349 12.00 -13.86 -32.19
N ASP A 350 12.23 -15.16 -32.24
CA ASP A 350 13.58 -15.77 -32.44
C ASP A 350 14.41 -15.66 -31.16
N ILE A 351 13.77 -15.52 -29.98
CA ILE A 351 14.43 -15.63 -28.64
C ILE A 351 15.16 -16.97 -28.54
N GLY A 352 14.62 -18.02 -29.15
CA GLY A 352 15.21 -19.36 -29.16
C GLY A 352 15.17 -19.97 -27.77
N ASN A 353 16.29 -20.52 -27.30
CA ASN A 353 16.38 -21.34 -26.06
C ASN A 353 17.06 -20.52 -24.95
N LEU A 354 17.09 -19.19 -25.06
CA LEU A 354 17.69 -18.34 -24.00
C LEU A 354 16.81 -18.35 -22.74
N SER A 355 17.43 -18.09 -21.58
CA SER A 355 16.76 -18.15 -20.25
C SER A 355 15.98 -16.86 -19.99
N GLN A 356 14.69 -16.99 -19.63
CA GLN A 356 13.73 -15.85 -19.58
C GLN A 356 12.59 -16.09 -18.59
N VAL A 357 12.38 -17.31 -18.11
CA VAL A 357 11.24 -17.62 -17.18
C VAL A 357 11.60 -17.15 -15.77
N VAL A 358 10.74 -16.31 -15.20
CA VAL A 358 10.95 -15.70 -13.86
C VAL A 358 9.89 -16.24 -12.92
N VAL A 359 10.34 -16.71 -11.74
CA VAL A 359 9.42 -17.07 -10.65
C VAL A 359 9.22 -15.80 -9.81
N MET A 360 7.98 -15.34 -9.70
CA MET A 360 7.59 -14.16 -8.87
C MET A 360 7.33 -14.64 -7.43
N LYS A 361 7.88 -13.90 -6.46
CA LYS A 361 7.87 -14.23 -5.01
C LYS A 361 7.32 -13.06 -4.20
N SER A 362 6.32 -13.28 -3.33
CA SER A 362 5.75 -12.25 -2.41
C SER A 362 6.36 -12.35 -1.00
N LYS A 371 11.97 -9.07 0.26
CA LYS A 371 11.73 -8.04 -0.79
C LYS A 371 12.23 -8.47 -2.18
N CYS A 372 12.93 -9.62 -2.33
CA CYS A 372 13.52 -10.10 -3.61
C CYS A 372 12.45 -10.89 -4.40
N LYS A 373 11.92 -10.27 -5.44
CA LYS A 373 10.65 -10.65 -6.11
C LYS A 373 10.88 -11.54 -7.33
N MET A 374 12.06 -11.56 -7.97
CA MET A 374 12.19 -12.14 -9.34
C MET A 374 13.32 -13.18 -9.39
N ASN A 375 12.97 -14.47 -9.41
CA ASN A 375 13.94 -15.58 -9.47
C ASN A 375 13.98 -16.12 -10.89
N LEU A 376 15.04 -15.81 -11.64
CA LEU A 376 15.17 -16.24 -13.05
C LEU A 376 15.47 -17.75 -13.07
N GLN A 377 14.86 -18.47 -13.99
CA GLN A 377 15.02 -19.95 -14.15
C GLN A 377 15.53 -20.24 -15.56
N ASP A 378 16.31 -21.30 -15.74
CA ASP A 378 16.60 -21.80 -17.10
C ASP A 378 15.38 -22.61 -17.58
N ASN A 379 15.36 -23.08 -18.84
CA ASN A 379 14.18 -23.74 -19.41
C ASN A 379 13.99 -25.13 -18.78
N ASN A 380 15.00 -25.64 -18.09
CA ASN A 380 14.93 -26.93 -17.35
C ASN A 380 14.25 -26.73 -15.98
N GLY A 381 14.04 -25.48 -15.54
CA GLY A 381 13.43 -25.18 -14.23
C GLY A 381 14.44 -25.09 -13.10
N ASN A 382 15.73 -24.98 -13.40
CA ASN A 382 16.77 -24.72 -12.38
C ASN A 382 16.89 -23.22 -12.15
N ASP A 383 17.16 -22.83 -10.90
CA ASP A 383 17.40 -21.41 -10.52
C ASP A 383 18.66 -20.88 -11.19
N ILE A 384 18.57 -19.74 -11.87
CA ILE A 384 19.75 -18.95 -12.29
C ILE A 384 20.00 -17.86 -11.25
N GLY A 385 18.95 -17.38 -10.61
CA GLY A 385 19.07 -16.59 -9.37
C GLY A 385 18.17 -15.37 -9.40
N PHE A 386 18.00 -14.75 -8.22
CA PHE A 386 17.23 -13.49 -8.08
C PHE A 386 17.86 -12.42 -8.96
N ILE A 387 17.00 -11.59 -9.53
CA ILE A 387 17.44 -10.42 -10.34
C ILE A 387 17.81 -9.28 -9.39
N GLY A 388 19.05 -8.83 -9.50
CA GLY A 388 19.55 -7.64 -8.81
C GLY A 388 20.53 -6.97 -9.71
N PHE A 389 21.70 -6.62 -9.18
CA PHE A 389 22.73 -5.92 -9.96
C PHE A 389 24.11 -6.31 -9.43
N HIS A 390 25.12 -5.92 -10.20
CA HIS A 390 26.55 -6.16 -9.86
C HIS A 390 27.42 -5.19 -10.66
N LYS A 391 28.52 -4.73 -10.07
CA LYS A 391 29.42 -3.72 -10.66
C LYS A 391 30.43 -4.41 -11.60
N PHE A 392 30.46 -3.98 -12.86
CA PHE A 392 31.36 -4.48 -13.93
C PHE A 392 32.04 -3.28 -14.60
N ASN A 393 33.20 -2.87 -14.05
CA ASN A 393 34.01 -1.74 -14.55
C ASN A 393 33.20 -0.44 -14.38
N ASP A 394 32.83 -0.13 -13.14
CA ASP A 394 32.12 1.13 -12.78
C ASP A 394 30.65 1.12 -13.26
N ILE A 395 30.16 0.03 -13.87
CA ILE A 395 28.75 -0.04 -14.39
C ILE A 395 27.97 -1.05 -13.53
N TYR A 396 26.81 -0.61 -13.00
CA TYR A 396 25.91 -1.44 -12.16
C TYR A 396 24.92 -2.16 -13.06
N LYS A 397 25.38 -3.25 -13.68
CA LYS A 397 24.57 -4.01 -14.68
C LYS A 397 23.54 -4.87 -13.93
N LEU A 398 22.33 -5.00 -14.48
CA LEU A 398 21.33 -5.94 -13.92
C LEU A 398 21.82 -7.37 -14.19
N VAL A 399 21.78 -8.20 -13.16
CA VAL A 399 22.17 -9.64 -13.23
C VAL A 399 21.09 -10.50 -12.58
N ALA A 400 21.02 -11.77 -12.99
CA ALA A 400 20.48 -12.87 -12.16
C ALA A 400 21.65 -13.58 -11.46
N SER A 401 21.51 -13.86 -10.15
CA SER A 401 22.61 -14.39 -9.29
C SER A 401 22.13 -15.25 -8.12
N ASN A 402 22.53 -16.53 -8.08
CA ASN A 402 22.16 -17.49 -7.00
C ASN A 402 22.83 -17.09 -5.68
N TRP A 403 23.85 -16.25 -5.73
CA TRP A 403 24.44 -15.65 -4.51
C TRP A 403 23.30 -15.08 -3.65
N TYR A 404 22.36 -14.39 -4.28
CA TYR A 404 21.21 -13.75 -3.58
C TYR A 404 20.39 -14.84 -2.88
N ASN A 405 20.04 -15.88 -3.64
CA ASN A 405 19.18 -16.99 -3.16
C ASN A 405 19.79 -17.54 -1.87
N ARG A 406 21.08 -17.83 -1.86
CA ARG A 406 21.84 -18.38 -0.70
C ARG A 406 21.81 -17.39 0.47
N GLN A 407 22.20 -16.14 0.22
CA GLN A 407 22.35 -15.08 1.26
C GLN A 407 21.04 -14.90 2.01
N ILE A 408 19.91 -14.90 1.30
CA ILE A 408 18.56 -14.70 1.90
C ILE A 408 18.32 -15.77 2.95
N GLU A 409 18.82 -17.00 2.74
CA GLU A 409 18.54 -18.15 3.64
C GLU A 409 19.35 -18.03 4.95
N ILE A 410 20.33 -17.11 5.03
CA ILE A 410 21.26 -17.02 6.19
C ILE A 410 21.35 -15.60 6.76
N SER A 411 20.59 -14.63 6.25
CA SER A 411 20.49 -13.27 6.85
C SER A 411 19.25 -12.56 6.32
N SER A 412 18.73 -11.59 7.07
CA SER A 412 17.47 -10.86 6.79
C SER A 412 17.77 -9.43 6.30
N ARG A 413 19.00 -9.19 5.82
CA ARG A 413 19.46 -7.86 5.33
C ARG A 413 18.71 -7.51 4.02
N THR A 414 18.71 -6.23 3.65
CA THR A 414 18.31 -5.75 2.30
C THR A 414 19.46 -6.01 1.31
N PHE A 415 19.13 -6.65 0.19
CA PHE A 415 20.08 -6.98 -0.90
C PHE A 415 19.68 -6.24 -2.16
N GLY A 416 20.57 -6.26 -3.15
CA GLY A 416 20.39 -5.61 -4.45
C GLY A 416 19.29 -6.26 -5.27
N CYS A 417 18.76 -7.41 -4.84
CA CYS A 417 17.62 -8.09 -5.53
C CYS A 417 16.27 -7.55 -5.01
N SER A 418 16.27 -6.51 -4.17
CA SER A 418 15.04 -5.90 -3.57
C SER A 418 14.49 -4.83 -4.52
N TRP A 419 13.31 -5.06 -5.10
CA TRP A 419 12.67 -4.14 -6.08
C TRP A 419 11.28 -3.77 -5.61
N GLU A 420 10.85 -2.59 -6.03
CA GLU A 420 9.43 -2.22 -6.04
C GLU A 420 9.05 -1.97 -7.50
N PHE A 421 7.80 -2.30 -7.83
CA PHE A 421 7.18 -2.05 -9.14
C PHE A 421 6.24 -0.86 -9.03
N ILE A 422 6.51 0.23 -9.73
CA ILE A 422 5.72 1.48 -9.55
C ILE A 422 4.96 1.79 -10.83
N PRO A 423 3.62 1.60 -10.83
CA PRO A 423 2.79 2.07 -11.93
C PRO A 423 2.43 3.53 -11.70
N VAL A 424 2.02 4.19 -12.77
CA VAL A 424 1.33 5.49 -12.64
C VAL A 424 0.13 5.34 -11.71
N ASP A 425 0.02 6.28 -10.77
CA ASP A 425 -1.14 6.32 -9.87
C ASP A 425 -1.50 7.79 -9.67
N ASP A 426 -2.79 8.12 -9.76
CA ASP A 426 -3.25 9.52 -9.68
C ASP A 426 -3.07 10.09 -8.27
N GLY A 427 -2.81 9.25 -7.29
CA GLY A 427 -2.57 9.73 -5.92
C GLY A 427 -1.15 10.24 -5.74
N TRP A 428 -0.28 10.03 -6.71
CA TRP A 428 1.14 10.48 -6.62
C TRP A 428 1.32 11.82 -7.31
N GLY A 429 0.73 11.98 -8.50
CA GLY A 429 0.57 13.31 -9.12
C GLY A 429 1.70 13.70 -10.03
N GLU A 430 2.84 13.02 -9.99
CA GLU A 430 3.93 13.17 -10.98
C GLU A 430 3.37 13.02 -12.41
N LYS A 431 3.86 13.82 -13.36
CA LYS A 431 3.47 13.64 -14.79
C LYS A 431 4.03 12.33 -15.34
N PRO A 432 3.22 11.46 -15.98
CA PRO A 432 3.72 10.22 -16.58
C PRO A 432 4.78 10.40 -17.68
#